data_4TTK
# 
_entry.id   4TTK 
# 
_audit_conform.dict_name       mmcif_pdbx.dic 
_audit_conform.dict_version    5.398 
_audit_conform.dict_location   http://mmcif.pdb.org/dictionaries/ascii/mmcif_pdbx.dic 
# 
loop_
_database_2.database_id 
_database_2.database_code 
_database_2.pdbx_database_accession 
_database_2.pdbx_DOI 
PDB   4TTK         pdb_00004ttk 10.2210/pdb4ttk/pdb 
WWPDB D_1000202131 ?            ?                   
# 
loop_
_pdbx_audit_revision_history.ordinal 
_pdbx_audit_revision_history.data_content_type 
_pdbx_audit_revision_history.major_revision 
_pdbx_audit_revision_history.minor_revision 
_pdbx_audit_revision_history.revision_date 
1 'Structure model' 1 0 2014-09-10 
2 'Structure model' 1 1 2014-10-22 
3 'Structure model' 1 2 2017-09-06 
4 'Structure model' 1 3 2020-01-01 
5 'Structure model' 1 4 2023-12-27 
6 'Structure model' 1 5 2024-11-06 
# 
_pdbx_audit_revision_details.ordinal             1 
_pdbx_audit_revision_details.revision_ordinal    1 
_pdbx_audit_revision_details.data_content_type   'Structure model' 
_pdbx_audit_revision_details.provider            repository 
_pdbx_audit_revision_details.type                'Initial release' 
_pdbx_audit_revision_details.description         ? 
_pdbx_audit_revision_details.details             ? 
# 
loop_
_pdbx_audit_revision_group.ordinal 
_pdbx_audit_revision_group.revision_ordinal 
_pdbx_audit_revision_group.data_content_type 
_pdbx_audit_revision_group.group 
1  2 'Structure model' 'Database references'        
2  3 'Structure model' 'Author supporting evidence' 
3  3 'Structure model' 'Data collection'            
4  3 'Structure model' 'Database references'        
5  3 'Structure model' 'Derived calculations'       
6  3 'Structure model' Other                        
7  3 'Structure model' 'Source and taxonomy'        
8  4 'Structure model' 'Author supporting evidence' 
9  5 'Structure model' 'Data collection'            
10 5 'Structure model' 'Database references'        
11 5 'Structure model' 'Derived calculations'       
12 5 'Structure model' 'Refinement description'     
13 6 'Structure model' 'Structure summary'          
# 
loop_
_pdbx_audit_revision_category.ordinal 
_pdbx_audit_revision_category.revision_ordinal 
_pdbx_audit_revision_category.data_content_type 
_pdbx_audit_revision_category.category 
1  3 'Structure model' citation                  
2  3 'Structure model' diffrn_source             
3  3 'Structure model' pdbx_audit_support        
4  3 'Structure model' pdbx_database_status      
5  3 'Structure model' pdbx_entity_src_syn       
6  3 'Structure model' pdbx_struct_oper_list     
7  4 'Structure model' pdbx_audit_support        
8  5 'Structure model' chem_comp_atom            
9  5 'Structure model' chem_comp_bond            
10 5 'Structure model' database_2                
11 5 'Structure model' refine_hist               
12 5 'Structure model' struct_conn               
13 6 'Structure model' pdbx_entry_details        
14 6 'Structure model' pdbx_modification_feature 
# 
loop_
_pdbx_audit_revision_item.ordinal 
_pdbx_audit_revision_item.revision_ordinal 
_pdbx_audit_revision_item.data_content_type 
_pdbx_audit_revision_item.item 
1  3 'Structure model' '_citation.journal_id_CSD'                    
2  3 'Structure model' '_diffrn_source.pdbx_synchrotron_site'        
3  3 'Structure model' '_pdbx_audit_support.funding_organization'    
4  3 'Structure model' '_pdbx_database_status.pdb_format_compatible' 
5  3 'Structure model' '_pdbx_entity_src_syn.pdbx_alt_source_flag'   
6  3 'Structure model' '_pdbx_struct_oper_list.symmetry_operation'   
7  4 'Structure model' '_pdbx_audit_support.funding_organization'    
8  5 'Structure model' '_database_2.pdbx_DOI'                        
9  5 'Structure model' '_database_2.pdbx_database_accession'         
10 5 'Structure model' '_refine_hist.number_atoms_total'             
11 5 'Structure model' '_refine_hist.pdbx_number_atoms_nucleic_acid' 
12 5 'Structure model' '_refine_hist.pdbx_number_atoms_protein'      
13 5 'Structure model' '_struct_conn.pdbx_dist_value'                
14 5 'Structure model' '_struct_conn.ptnr1_label_atom_id'            
15 5 'Structure model' '_struct_conn.ptnr2_auth_comp_id'             
16 5 'Structure model' '_struct_conn.ptnr2_auth_seq_id'              
17 5 'Structure model' '_struct_conn.ptnr2_label_atom_id'            
18 5 'Structure model' '_struct_conn.ptnr2_label_comp_id'            
19 5 'Structure model' '_struct_conn.ptnr2_label_seq_id'             
# 
_pdbx_database_status.status_code                     REL 
_pdbx_database_status.status_code_sf                  REL 
_pdbx_database_status.status_code_mr                  ? 
_pdbx_database_status.entry_id                        4TTK 
_pdbx_database_status.recvd_initial_deposition_date   2014-06-22 
_pdbx_database_status.SG_entry                        N 
_pdbx_database_status.deposit_site                    RCSB 
_pdbx_database_status.process_site                    RCSB 
_pdbx_database_status.status_code_cs                  ? 
_pdbx_database_status.methods_development_category    ? 
_pdbx_database_status.pdb_format_compatible           Y 
_pdbx_database_status.status_code_nmr_data            ? 
# 
loop_
_audit_author.name 
_audit_author.pdbx_ordinal 
'Wang, C.K.'  1 
'King, G.J.'  2 
'Craik, D.J.' 3 
# 
_citation.abstract                  ? 
_citation.abstract_id_CAS           ? 
_citation.book_id_ISBN              ? 
_citation.book_publisher            ? 
_citation.book_publisher_city       ? 
_citation.book_title                ? 
_citation.coordinate_linkage        ? 
_citation.country                   GE 
_citation.database_id_Medline       ? 
_citation.details                   ? 
_citation.id                        primary 
_citation.journal_abbrev            Angew.Chem.Int.Ed.Engl. 
_citation.journal_id_ASTM           ACIEAY 
_citation.journal_id_CSD            0179 
_citation.journal_id_ISSN           1521-3773 
_citation.journal_full              ? 
_citation.journal_issue             ? 
_citation.journal_volume            53 
_citation.language                  ? 
_citation.page_first                11236 
_citation.page_last                 11241 
_citation.title                     'Racemic and Quasi-Racemic X-ray Structures of Cyclic Disulfide-Rich Peptide Drug Scaffolds.' 
_citation.year                      2014 
_citation.database_id_CSD           ? 
_citation.pdbx_database_id_DOI      10.1002/anie.201406563 
_citation.pdbx_database_id_PubMed   25168664 
_citation.unpublished_flag          ? 
# 
loop_
_citation_author.citation_id 
_citation_author.name 
_citation_author.ordinal 
_citation_author.identifier_ORCID 
primary 'Wang, C.K.'       1 ? 
primary 'King, G.J.'       2 ? 
primary 'Northfield, S.E.' 3 ? 
primary 'Ojeda, P.G.'      4 ? 
primary 'Craik, D.J.'      5 ? 
# 
loop_
_entity.id 
_entity.type 
_entity.src_method 
_entity.pdbx_description 
_entity.formula_weight 
_entity.pdbx_number_of_molecules 
_entity.pdbx_ec 
_entity.pdbx_mutation 
_entity.pdbx_fragment 
_entity.details 
1 polymer syn 'Sunflower Trypsin Inhibitor-1 (SFTI-1) (D-form)' 1534.822 1 ? ? ? ? 
2 water   nat water                                             18.015   7 ? ? ? ? 
# 
_entity_poly.entity_id                      1 
_entity_poly.type                           'polypeptide(D)' 
_entity_poly.nstd_linkage                   no 
_entity_poly.nstd_monomer                   yes 
_entity_poly.pdbx_seq_one_letter_code       'G(DAR)(DCY)(DTH)(DLY)(DSN)(DIL)(DPR)(DPR)(DIL)(DCY)(DPN)(DPR)(DAS)' 
_entity_poly.pdbx_seq_one_letter_code_can   GRCTKSIPPICFPD 
_entity_poly.pdbx_strand_id                 A 
_entity_poly.pdbx_target_identifier         ? 
# 
_pdbx_entity_nonpoly.entity_id   2 
_pdbx_entity_nonpoly.name        water 
_pdbx_entity_nonpoly.comp_id     HOH 
# 
loop_
_entity_poly_seq.entity_id 
_entity_poly_seq.num 
_entity_poly_seq.mon_id 
_entity_poly_seq.hetero 
1 1  GLY n 
1 2  DAR n 
1 3  DCY n 
1 4  DTH n 
1 5  DLY n 
1 6  DSN n 
1 7  DIL n 
1 8  DPR n 
1 9  DPR n 
1 10 DIL n 
1 11 DCY n 
1 12 DPN n 
1 13 DPR n 
1 14 DAS n 
# 
_pdbx_entity_src_syn.entity_id              1 
_pdbx_entity_src_syn.pdbx_src_id            1 
_pdbx_entity_src_syn.pdbx_alt_source_flag   sample 
_pdbx_entity_src_syn.pdbx_beg_seq_num       1 
_pdbx_entity_src_syn.pdbx_end_seq_num       14 
_pdbx_entity_src_syn.organism_scientific    'Helianthus annuus' 
_pdbx_entity_src_syn.organism_common_name   3 
_pdbx_entity_src_syn.ncbi_taxonomy_id       4232 
_pdbx_entity_src_syn.details                'chemical synthesis' 
# 
loop_
_chem_comp.id 
_chem_comp.type 
_chem_comp.mon_nstd_flag 
_chem_comp.name 
_chem_comp.pdbx_synonyms 
_chem_comp.formula 
_chem_comp.formula_weight 
DAR 'D-peptide linking' . D-ARGININE        ? 'C6 H15 N4 O2 1' 175.209 
DAS 'D-peptide linking' . 'D-ASPARTIC ACID' ? 'C4 H7 N O4'     133.103 
DCY 'D-peptide linking' . D-CYSTEINE        ? 'C3 H7 N O2 S'   121.158 
DIL 'D-peptide linking' . D-ISOLEUCINE      ? 'C6 H13 N O2'    131.173 
DLY 'D-peptide linking' . D-LYSINE          ? 'C6 H14 N2 O2'   146.188 
DPN 'D-peptide linking' . D-PHENYLALANINE   ? 'C9 H11 N O2'    165.189 
DPR 'D-peptide linking' . D-PROLINE         ? 'C5 H9 N O2'     115.130 
DSN 'D-peptide linking' . D-SERINE          ? 'C3 H7 N O3'     105.093 
DTH 'D-peptide linking' . D-THREONINE       ? 'C4 H9 N O3'     119.119 
GLY 'peptide linking'   y GLYCINE           ? 'C2 H5 N O2'     75.067  
HOH non-polymer         . WATER             ? 'H2 O'           18.015  
# 
loop_
_pdbx_poly_seq_scheme.asym_id 
_pdbx_poly_seq_scheme.entity_id 
_pdbx_poly_seq_scheme.seq_id 
_pdbx_poly_seq_scheme.mon_id 
_pdbx_poly_seq_scheme.ndb_seq_num 
_pdbx_poly_seq_scheme.pdb_seq_num 
_pdbx_poly_seq_scheme.auth_seq_num 
_pdbx_poly_seq_scheme.pdb_mon_id 
_pdbx_poly_seq_scheme.auth_mon_id 
_pdbx_poly_seq_scheme.pdb_strand_id 
_pdbx_poly_seq_scheme.pdb_ins_code 
_pdbx_poly_seq_scheme.hetero 
A 1 1  GLY 1  1  1  GLY GLY A . n 
A 1 2  DAR 2  2  2  DAR DAR A . n 
A 1 3  DCY 3  3  3  DCY DCY A . n 
A 1 4  DTH 4  4  4  DTH DTH A . n 
A 1 5  DLY 5  5  5  DLY DLY A . n 
A 1 6  DSN 6  6  6  DSN DSN A . n 
A 1 7  DIL 7  7  7  DIL DIL A . n 
A 1 8  DPR 8  8  8  DPR DPR A . n 
A 1 9  DPR 9  9  9  DPR DPR A . n 
A 1 10 DIL 10 10 10 DIL DIL A . n 
A 1 11 DCY 11 11 11 DCY DCY A . n 
A 1 12 DPN 12 12 12 DPN DPN A . n 
A 1 13 DPR 13 13 13 DPR DPR A . n 
A 1 14 DAS 14 14 14 DAS DAS A . n 
# 
loop_
_pdbx_nonpoly_scheme.asym_id 
_pdbx_nonpoly_scheme.entity_id 
_pdbx_nonpoly_scheme.mon_id 
_pdbx_nonpoly_scheme.ndb_seq_num 
_pdbx_nonpoly_scheme.pdb_seq_num 
_pdbx_nonpoly_scheme.auth_seq_num 
_pdbx_nonpoly_scheme.pdb_mon_id 
_pdbx_nonpoly_scheme.auth_mon_id 
_pdbx_nonpoly_scheme.pdb_strand_id 
_pdbx_nonpoly_scheme.pdb_ins_code 
B 2 HOH 1 101 7 HOH HOH A . 
B 2 HOH 2 102 4 HOH HOH A . 
B 2 HOH 3 103 5 HOH HOH A . 
B 2 HOH 4 104 6 HOH HOH A . 
B 2 HOH 5 105 3 HOH HOH A . 
B 2 HOH 6 106 1 HOH HOH A . 
B 2 HOH 7 107 2 HOH HOH A . 
# 
loop_
_software.citation_id 
_software.classification 
_software.compiler_name 
_software.compiler_version 
_software.contact_author 
_software.contact_author_email 
_software.date 
_software.description 
_software.dependencies 
_software.hardware 
_software.language 
_software.location 
_software.mods 
_software.name 
_software.os 
_software.os_version 
_software.type 
_software.version 
_software.pdbx_ordinal 
? refinement        ? ? ? ? ? ? ? ? ? ? ? PHENIX       ? ? ? '(phenix.refine: 1.8.2_1309)' 1 
? 'data reduction'  ? ? ? ? ? ? ? ? ? ? ? CrystalClear ? ? ? .                             2 
? 'data extraction' ? ? ? ? ? ? ? ? ? ? ? PDB_EXTRACT  ? ? ? 3.14                          3 
# 
_cell.entry_id           4TTK 
_cell.length_a           42.640 
_cell.length_b           42.640 
_cell.length_c           12.965 
_cell.angle_alpha        90.00 
_cell.angle_beta         90.00 
_cell.angle_gamma        120.00 
_cell.Z_PDB              6 
_cell.pdbx_unique_axis   ? 
# 
_symmetry.entry_id                         4TTK 
_symmetry.space_group_name_H-M             'P -3' 
_symmetry.pdbx_full_space_group_name_H-M   ? 
_symmetry.cell_setting                     ? 
_symmetry.Int_Tables_number                147 
# 
_exptl.absorpt_coefficient_mu     ? 
_exptl.absorpt_correction_T_max   ? 
_exptl.absorpt_correction_T_min   ? 
_exptl.absorpt_correction_type    ? 
_exptl.absorpt_process_details    ? 
_exptl.entry_id                   4TTK 
_exptl.crystals_number            1 
_exptl.details                    ? 
_exptl.method                     'X-RAY DIFFRACTION' 
_exptl.method_details             ? 
# 
_exptl_crystal.colour                      ? 
_exptl_crystal.density_diffrn              ? 
_exptl_crystal.density_Matthews            2.30 
_exptl_crystal.density_method              ? 
_exptl_crystal.density_percent_sol         46.58 
_exptl_crystal.description                 ? 
_exptl_crystal.F_000                       ? 
_exptl_crystal.id                          1 
_exptl_crystal.preparation                 ? 
_exptl_crystal.size_max                    ? 
_exptl_crystal.size_mid                    ? 
_exptl_crystal.size_min                    ? 
_exptl_crystal.size_rad                    ? 
_exptl_crystal.colour_lustre               ? 
_exptl_crystal.colour_modifier             ? 
_exptl_crystal.colour_primary              ? 
_exptl_crystal.density_meas                ? 
_exptl_crystal.density_meas_esd            ? 
_exptl_crystal.density_meas_gt             ? 
_exptl_crystal.density_meas_lt             ? 
_exptl_crystal.density_meas_temp           ? 
_exptl_crystal.density_meas_temp_esd       ? 
_exptl_crystal.density_meas_temp_gt        ? 
_exptl_crystal.density_meas_temp_lt        ? 
_exptl_crystal.pdbx_crystal_image_url      ? 
_exptl_crystal.pdbx_crystal_image_format   ? 
_exptl_crystal.pdbx_mosaicity              ? 
_exptl_crystal.pdbx_mosaicity_esd          ? 
# 
_exptl_crystal_grow.apparatus       ? 
_exptl_crystal_grow.atmosphere      ? 
_exptl_crystal_grow.crystal_id      1 
_exptl_crystal_grow.details         ? 
_exptl_crystal_grow.method          'VAPOR DIFFUSION, HANGING DROP' 
_exptl_crystal_grow.method_ref      ? 
_exptl_crystal_grow.pH              7.5 
_exptl_crystal_grow.pressure        ? 
_exptl_crystal_grow.pressure_esd    ? 
_exptl_crystal_grow.seeding         ? 
_exptl_crystal_grow.seeding_ref     ? 
_exptl_crystal_grow.temp            293 
_exptl_crystal_grow.temp_details    ? 
_exptl_crystal_grow.temp_esd        ? 
_exptl_crystal_grow.time            ? 
_exptl_crystal_grow.pdbx_details    
'0.1 M HEPES pH 7.5, 1.0 M ammonium sulfate, 3% w/v polyethylene glycol 8,000, 0.14 M sodium thiocyanate' 
_exptl_crystal_grow.pdbx_pH_range   ? 
# 
_diffrn.ambient_environment    ? 
_diffrn.ambient_temp           100 
_diffrn.ambient_temp_details   ? 
_diffrn.ambient_temp_esd       ? 
_diffrn.crystal_id             1 
_diffrn.crystal_support        ? 
_diffrn.crystal_treatment      ? 
_diffrn.details                ? 
_diffrn.id                     1 
_diffrn.ambient_pressure       ? 
_diffrn.ambient_pressure_esd   ? 
_diffrn.ambient_pressure_gt    ? 
_diffrn.ambient_pressure_lt    ? 
_diffrn.ambient_temp_gt        ? 
_diffrn.ambient_temp_lt        ? 
# 
_diffrn_detector.details                      ? 
_diffrn_detector.detector                     CCD 
_diffrn_detector.diffrn_id                    1 
_diffrn_detector.type                         'ADSC QUANTUM 315r' 
_diffrn_detector.area_resol_mean              ? 
_diffrn_detector.dtime                        ? 
_diffrn_detector.pdbx_frames_total            ? 
_diffrn_detector.pdbx_collection_time_total   ? 
_diffrn_detector.pdbx_collection_date         2013-11-12 
# 
_diffrn_radiation.collimation                      ? 
_diffrn_radiation.diffrn_id                        1 
_diffrn_radiation.filter_edge                      ? 
_diffrn_radiation.inhomogeneity                    ? 
_diffrn_radiation.monochromator                    ? 
_diffrn_radiation.polarisn_norm                    ? 
_diffrn_radiation.polarisn_ratio                   ? 
_diffrn_radiation.probe                            ? 
_diffrn_radiation.type                             ? 
_diffrn_radiation.xray_symbol                      ? 
_diffrn_radiation.wavelength_id                    1 
_diffrn_radiation.pdbx_monochromatic_or_laue_m_l   M 
_diffrn_radiation.pdbx_wavelength_list             ? 
_diffrn_radiation.pdbx_wavelength                  ? 
_diffrn_radiation.pdbx_diffrn_protocol             'SINGLE WAVELENGTH' 
_diffrn_radiation.pdbx_analyzer                    ? 
_diffrn_radiation.pdbx_scattering_type             x-ray 
# 
_diffrn_radiation_wavelength.id           1 
_diffrn_radiation_wavelength.wavelength   0.9537 
_diffrn_radiation_wavelength.wt           1.0 
# 
_diffrn_source.current                     ? 
_diffrn_source.details                     ? 
_diffrn_source.diffrn_id                   1 
_diffrn_source.power                       ? 
_diffrn_source.size                        ? 
_diffrn_source.source                      SYNCHROTRON 
_diffrn_source.target                      ? 
_diffrn_source.type                        'AUSTRALIAN SYNCHROTRON BEAMLINE MX2' 
_diffrn_source.voltage                     ? 
_diffrn_source.take-off_angle              ? 
_diffrn_source.pdbx_wavelength_list        0.9537 
_diffrn_source.pdbx_wavelength             ? 
_diffrn_source.pdbx_synchrotron_beamline   MX2 
_diffrn_source.pdbx_synchrotron_site       'Australian Synchrotron' 
# 
_reflns.B_iso_Wilson_estimate            46.920 
_reflns.entry_id                         4TTK 
_reflns.data_reduction_details           ? 
_reflns.data_reduction_method            ? 
_reflns.d_resolution_high                1.25 
_reflns.d_resolution_low                 21.46 
_reflns.details                          ? 
_reflns.limit_h_max                      ? 
_reflns.limit_h_min                      ? 
_reflns.limit_k_max                      ? 
_reflns.limit_k_min                      ? 
_reflns.limit_l_max                      ? 
_reflns.limit_l_min                      ? 
_reflns.number_all                       ? 
_reflns.number_obs                       7289 
_reflns.observed_criterion               ? 
_reflns.observed_criterion_F_max         ? 
_reflns.observed_criterion_F_min         ? 
_reflns.observed_criterion_I_max         ? 
_reflns.observed_criterion_I_min         ? 
_reflns.observed_criterion_sigma_F       ? 
_reflns.observed_criterion_sigma_I       ? 
_reflns.percent_possible_obs             99.4 
_reflns.R_free_details                   ? 
_reflns.Rmerge_F_all                     ? 
_reflns.Rmerge_F_obs                     ? 
_reflns.Friedel_coverage                 ? 
_reflns.number_gt                        ? 
_reflns.threshold_expression             ? 
_reflns.pdbx_redundancy                  11.40 
_reflns.pdbx_Rmerge_I_obs                ? 
_reflns.pdbx_Rmerge_I_all                ? 
_reflns.pdbx_Rsym_value                  ? 
_reflns.pdbx_netI_over_av_sigmaI         ? 
_reflns.pdbx_netI_over_sigmaI            45.3 
_reflns.pdbx_res_netI_over_av_sigmaI_2   ? 
_reflns.pdbx_res_netI_over_sigmaI_2      ? 
_reflns.pdbx_chi_squared                 ? 
_reflns.pdbx_scaling_rejects             ? 
_reflns.pdbx_d_res_high_opt              ? 
_reflns.pdbx_d_res_low_opt               ? 
_reflns.pdbx_d_res_opt_method            ? 
_reflns.phase_calculation_details        ? 
_reflns.pdbx_Rrim_I_all                  ? 
_reflns.pdbx_Rpim_I_all                  ? 
_reflns.pdbx_d_opt                       ? 
_reflns.pdbx_number_measured_all         ? 
_reflns.pdbx_diffrn_id                   1 
_reflns.pdbx_ordinal                     1 
_reflns.pdbx_CC_half                     ? 
_reflns.pdbx_R_split                     ? 
# 
_reflns_shell.d_res_high                  1.25 
_reflns_shell.d_res_low                   1.29 
_reflns_shell.meanI_over_sigI_all         ? 
_reflns_shell.meanI_over_sigI_obs         7.3 
_reflns_shell.number_measured_all         ? 
_reflns_shell.number_measured_obs         ? 
_reflns_shell.number_possible             ? 
_reflns_shell.number_unique_all           ? 
_reflns_shell.number_unique_obs           ? 
_reflns_shell.percent_possible_all        98.9 
_reflns_shell.percent_possible_obs        ? 
_reflns_shell.Rmerge_F_all                ? 
_reflns_shell.Rmerge_F_obs                ? 
_reflns_shell.Rmerge_I_all                ? 
_reflns_shell.Rmerge_I_obs                0.221 
_reflns_shell.meanI_over_sigI_gt          ? 
_reflns_shell.meanI_over_uI_all           ? 
_reflns_shell.meanI_over_uI_gt            ? 
_reflns_shell.number_measured_gt          ? 
_reflns_shell.number_unique_gt            ? 
_reflns_shell.percent_possible_gt         ? 
_reflns_shell.Rmerge_F_gt                 ? 
_reflns_shell.Rmerge_I_gt                 ? 
_reflns_shell.pdbx_redundancy             4.9 
_reflns_shell.pdbx_Rsym_value             0.221 
_reflns_shell.pdbx_chi_squared            ? 
_reflns_shell.pdbx_netI_over_sigmaI_all   ? 
_reflns_shell.pdbx_netI_over_sigmaI_obs   ? 
_reflns_shell.pdbx_Rrim_I_all             ? 
_reflns_shell.pdbx_Rpim_I_all             ? 
_reflns_shell.pdbx_rejects                ? 
_reflns_shell.pdbx_ordinal                1 
_reflns_shell.pdbx_diffrn_id              1 
_reflns_shell.pdbx_CC_half                ? 
_reflns_shell.pdbx_R_split                ? 
# 
_refine.pdbx_refine_id                           'X-RAY DIFFRACTION' 
_refine.entry_id                                 4TTK 
_refine.pdbx_diffrn_id                           1 
_refine.pdbx_TLS_residual_ADP_flag               ? 
_refine.ls_number_reflns_obs                     7286 
_refine.ls_number_reflns_all                     ? 
_refine.pdbx_ls_sigma_I                          ? 
_refine.pdbx_ls_sigma_F                          1.35 
_refine.pdbx_data_cutoff_high_absF               ? 
_refine.pdbx_data_cutoff_low_absF                ? 
_refine.pdbx_data_cutoff_high_rms_absF           ? 
_refine.ls_d_res_low                             13.957 
_refine.ls_d_res_high                            1.2502 
_refine.ls_percent_reflns_obs                    99.74 
_refine.ls_R_factor_obs                          0.2637 
_refine.ls_R_factor_all                          ? 
_refine.ls_R_factor_R_work                       0.2623 
_refine.ls_R_factor_R_free                       0.2763 
_refine.ls_R_factor_R_free_error                 ? 
_refine.ls_R_factor_R_free_error_details         ? 
_refine.ls_percent_reflns_R_free                 10.35 
_refine.ls_number_reflns_R_free                  754 
_refine.ls_number_parameters                     ? 
_refine.ls_number_restraints                     ? 
_refine.occupancy_min                            ? 
_refine.occupancy_max                            ? 
_refine.correlation_coeff_Fo_to_Fc               ? 
_refine.correlation_coeff_Fo_to_Fc_free          ? 
_refine.B_iso_mean                               ? 
_refine.aniso_B[1][1]                            ? 
_refine.aniso_B[2][2]                            ? 
_refine.aniso_B[3][3]                            ? 
_refine.aniso_B[1][2]                            ? 
_refine.aniso_B[1][3]                            ? 
_refine.aniso_B[2][3]                            ? 
_refine.solvent_model_details                    'FLAT BULK SOLVENT MODEL' 
_refine.solvent_model_param_ksol                 ? 
_refine.solvent_model_param_bsol                 ? 
_refine.pdbx_solvent_vdw_probe_radii             1.11 
_refine.pdbx_solvent_ion_probe_radii             ? 
_refine.pdbx_solvent_shrinkage_radii             0.90 
_refine.pdbx_ls_cross_valid_method               'FREE R-VALUE' 
_refine.details                                  ? 
_refine.pdbx_starting_model                      ? 
_refine.pdbx_method_to_determine_struct          ? 
_refine.pdbx_isotropic_thermal_model             ? 
_refine.pdbx_stereochemistry_target_values       ML 
_refine.pdbx_stereochem_target_val_spec_case     ? 
_refine.pdbx_R_Free_selection_details            ? 
_refine.pdbx_overall_ESU_R                       ? 
_refine.pdbx_overall_ESU_R_Free                  ? 
_refine.overall_SU_ML                            0.08 
_refine.pdbx_overall_phase_error                 18.78 
_refine.overall_SU_B                             ? 
_refine.overall_SU_R_Cruickshank_DPI             ? 
_refine.pdbx_overall_SU_R_free_Cruickshank_DPI   ? 
_refine.pdbx_overall_SU_R_Blow_DPI               ? 
_refine.pdbx_overall_SU_R_free_Blow_DPI          ? 
# 
_refine_hist.cycle_id                         final 
_refine_hist.pdbx_refine_id                   'X-RAY DIFFRACTION' 
_refine_hist.d_res_high                       1.2502 
_refine_hist.d_res_low                        13.957 
_refine_hist.pdbx_number_atoms_ligand         104 
_refine_hist.number_atoms_solvent             7 
_refine_hist.number_atoms_total               216 
_refine_hist.pdbx_number_residues_total       1 
_refine_hist.pdbx_B_iso_mean_ligand           8.87 
_refine_hist.pdbx_B_iso_mean_solvent          14.19 
_refine_hist.pdbx_number_atoms_protein        105 
_refine_hist.pdbx_number_atoms_nucleic_acid   0 
# 
loop_
_refine_ls_restr.type 
_refine_ls_restr.dev_ideal 
_refine_ls_restr.dev_ideal_target 
_refine_ls_restr.weight 
_refine_ls_restr.number 
_refine_ls_restr.pdbx_refine_id 
_refine_ls_restr.pdbx_restraint_function 
f_bond_d           0.006 ? ? 110 'X-RAY DIFFRACTION' ? 
f_angle_d          1.253 ? ? 146 'X-RAY DIFFRACTION' ? 
f_dihedral_angle_d 7.834 ? ? 43  'X-RAY DIFFRACTION' ? 
f_chiral_restr     0.053 ? ? 16  'X-RAY DIFFRACTION' ? 
f_plane_restr      0.011 ? ? 19  'X-RAY DIFFRACTION' ? 
# 
loop_
_refine_ls_shell.pdbx_refine_id 
_refine_ls_shell.pdbx_total_number_of_bins_used 
_refine_ls_shell.d_res_high 
_refine_ls_shell.d_res_low 
_refine_ls_shell.number_reflns_R_work 
_refine_ls_shell.R_factor_R_work 
_refine_ls_shell.percent_reflns_obs 
_refine_ls_shell.R_factor_R_free 
_refine_ls_shell.R_factor_R_free_error 
_refine_ls_shell.percent_reflns_R_free 
_refine_ls_shell.number_reflns_R_free 
_refine_ls_shell.number_reflns_all 
_refine_ls_shell.R_factor_all 
_refine_ls_shell.R_factor_obs 
_refine_ls_shell.number_reflns_obs 
'X-RAY DIFFRACTION' . 1.2502 1.3466  1308 0.2634 100.00 0.2673 . . 155 . . . . 
'X-RAY DIFFRACTION' . 1.3466 1.4820  1307 0.2504 100.00 0.3075 . . 150 . . . . 
'X-RAY DIFFRACTION' . 1.4820 1.6961  1289 0.2569 100.00 0.2711 . . 157 . . . . 
'X-RAY DIFFRACTION' . 1.6961 2.1357  1335 0.2408 100.00 0.2636 . . 151 . . . . 
'X-RAY DIFFRACTION' . 2.1357 13.9581 1293 0.2793 99.00  0.2796 . . 141 . . . . 
# 
_struct.entry_id                     4TTK 
_struct.title                        'Racemic structure of Sunflower Trypsin Inhibitor-1 (SFTI-1)' 
_struct.pdbx_model_details           ? 
_struct.pdbx_formula_weight          ? 
_struct.pdbx_formula_weight_method   ? 
_struct.pdbx_model_type_details      ? 
_struct.pdbx_CASP_flag               ? 
# 
_struct_keywords.entry_id        4TTK 
_struct_keywords.text            'cyclic peptide, disulfide bond, Hydrolase Inhibitor' 
_struct_keywords.pdbx_keywords   'Hydrolase Inhibitor' 
# 
loop_
_struct_asym.id 
_struct_asym.pdbx_blank_PDB_chainid_flag 
_struct_asym.pdbx_modified 
_struct_asym.entity_id 
_struct_asym.details 
A N N 1 ? 
B N N 2 ? 
# 
_struct_ref.db_code                    4TTK 
_struct_ref.db_name                    PDB 
_struct_ref.details                    ? 
_struct_ref.entity_id                  1 
_struct_ref.id                         1 
_struct_ref.seq_align                  ? 
_struct_ref.seq_dif                    ? 
_struct_ref.pdbx_db_accession          4TTK 
_struct_ref.pdbx_seq_one_letter_code   ? 
_struct_ref.pdbx_align_begin           1 
_struct_ref.pdbx_align_end             ? 
_struct_ref.pdbx_db_isoform            ? 
# 
_struct_ref_seq.align_id                      1 
_struct_ref_seq.ref_id                        1 
_struct_ref_seq.pdbx_PDB_id_code              4TTK 
_struct_ref_seq.pdbx_strand_id                A 
_struct_ref_seq.seq_align_beg                 1 
_struct_ref_seq.pdbx_seq_align_beg_ins_code   ? 
_struct_ref_seq.seq_align_end                 14 
_struct_ref_seq.pdbx_seq_align_end_ins_code   ? 
_struct_ref_seq.pdbx_db_accession             4TTK 
_struct_ref_seq.db_align_beg                  1 
_struct_ref_seq.pdbx_db_align_beg_ins_code    ? 
_struct_ref_seq.db_align_end                  14 
_struct_ref_seq.pdbx_db_align_end_ins_code    ? 
_struct_ref_seq.pdbx_auth_seq_align_beg       1 
_struct_ref_seq.pdbx_auth_seq_align_end       14 
# 
_pdbx_struct_assembly.id                   1 
_pdbx_struct_assembly.details              author_and_software_defined_assembly 
_pdbx_struct_assembly.method_details       PISA 
_pdbx_struct_assembly.oligomeric_details   monomeric 
_pdbx_struct_assembly.oligomeric_count     1 
# 
loop_
_pdbx_struct_assembly_prop.biol_id 
_pdbx_struct_assembly_prop.type 
_pdbx_struct_assembly_prop.value 
_pdbx_struct_assembly_prop.details 
1 'ABSA (A^2)' 140  ? 
1 MORE         -3   ? 
1 'SSA (A^2)'  1480 ? 
# 
_pdbx_struct_assembly_gen.assembly_id       1 
_pdbx_struct_assembly_gen.oper_expression   1 
_pdbx_struct_assembly_gen.asym_id_list      A,B 
# 
_pdbx_struct_oper_list.id                   1 
_pdbx_struct_oper_list.type                 'identity operation' 
_pdbx_struct_oper_list.name                 1_555 
_pdbx_struct_oper_list.symmetry_operation   x,y,z 
_pdbx_struct_oper_list.matrix[1][1]         1.0000000000 
_pdbx_struct_oper_list.matrix[1][2]         0.0000000000 
_pdbx_struct_oper_list.matrix[1][3]         0.0000000000 
_pdbx_struct_oper_list.vector[1]            0.0000000000 
_pdbx_struct_oper_list.matrix[2][1]         0.0000000000 
_pdbx_struct_oper_list.matrix[2][2]         1.0000000000 
_pdbx_struct_oper_list.matrix[2][3]         0.0000000000 
_pdbx_struct_oper_list.vector[2]            0.0000000000 
_pdbx_struct_oper_list.matrix[3][1]         0.0000000000 
_pdbx_struct_oper_list.matrix[3][2]         0.0000000000 
_pdbx_struct_oper_list.matrix[3][3]         1.0000000000 
_pdbx_struct_oper_list.vector[3]            0.0000000000 
# 
_struct_biol.details                      
'Crystal obtained from racemic mixture of D- and L- enantiomers of SFTI-1. The D-form is represented in the asymmetric unit.' 
_struct_biol.id                           1 
_struct_biol.pdbx_parent_biol_id          ? 
_struct_biol.pdbx_formula_weight          ? 
_struct_biol.pdbx_formula_weight_method   ? 
_struct_biol.pdbx_aggregation_state       ? 
_struct_biol.pdbx_assembly_method         ? 
# 
loop_
_struct_conn.id 
_struct_conn.conn_type_id 
_struct_conn.pdbx_leaving_atom_flag 
_struct_conn.pdbx_PDB_id 
_struct_conn.ptnr1_label_asym_id 
_struct_conn.ptnr1_label_comp_id 
_struct_conn.ptnr1_label_seq_id 
_struct_conn.ptnr1_label_atom_id 
_struct_conn.pdbx_ptnr1_label_alt_id 
_struct_conn.pdbx_ptnr1_PDB_ins_code 
_struct_conn.pdbx_ptnr1_standard_comp_id 
_struct_conn.ptnr1_symmetry 
_struct_conn.ptnr2_label_asym_id 
_struct_conn.ptnr2_label_comp_id 
_struct_conn.ptnr2_label_seq_id 
_struct_conn.ptnr2_label_atom_id 
_struct_conn.pdbx_ptnr2_label_alt_id 
_struct_conn.pdbx_ptnr2_PDB_ins_code 
_struct_conn.ptnr1_auth_asym_id 
_struct_conn.ptnr1_auth_comp_id 
_struct_conn.ptnr1_auth_seq_id 
_struct_conn.ptnr2_auth_asym_id 
_struct_conn.ptnr2_auth_comp_id 
_struct_conn.ptnr2_auth_seq_id 
_struct_conn.ptnr2_symmetry 
_struct_conn.pdbx_ptnr3_label_atom_id 
_struct_conn.pdbx_ptnr3_label_seq_id 
_struct_conn.pdbx_ptnr3_label_comp_id 
_struct_conn.pdbx_ptnr3_label_asym_id 
_struct_conn.pdbx_ptnr3_label_alt_id 
_struct_conn.pdbx_ptnr3_PDB_ins_code 
_struct_conn.details 
_struct_conn.pdbx_dist_value 
_struct_conn.pdbx_value_order 
_struct_conn.pdbx_role 
disulf1  disulf ?    ? A DCY 3  SG ? ? ? 1_555 A DCY 11 SG ? ? A DCY 3  A DCY 11 1_555 ? ? ? ? ? ? ? 2.048 ? ? 
covale1  covale both ? A GLY 1  C  ? ? ? 1_555 A DAR 2  N  ? ? A GLY 1  A DAR 2  1_555 ? ? ? ? ? ? ? 1.330 ? ? 
covale2  covale both ? A GLY 1  N  ? ? ? 1_555 A DAS 14 C  ? ? A GLY 1  A DAS 14 1_555 ? ? ? ? ? ? ? 1.329 ? ? 
covale3  covale both ? A DAR 2  C  ? ? ? 1_555 A DCY 3  N  ? ? A DAR 2  A DCY 3  1_555 ? ? ? ? ? ? ? 1.327 ? ? 
covale4  covale both ? A DCY 3  C  ? ? ? 1_555 A DTH 4  N  ? ? A DCY 3  A DTH 4  1_555 ? ? ? ? ? ? ? 1.329 ? ? 
covale5  covale both ? A DTH 4  C  ? ? ? 1_555 A DLY 5  N  ? ? A DTH 4  A DLY 5  1_555 ? ? ? ? ? ? ? 1.326 ? ? 
covale6  covale both ? A DLY 5  C  ? ? ? 1_555 A DSN 6  N  ? ? A DLY 5  A DSN 6  1_555 ? ? ? ? ? ? ? 1.321 ? ? 
covale7  covale both ? A DSN 6  C  ? ? ? 1_555 A DIL 7  N  ? ? A DSN 6  A DIL 7  1_555 ? ? ? ? ? ? ? 1.327 ? ? 
covale8  covale both ? A DIL 7  C  ? ? ? 1_555 A DPR 8  N  ? ? A DIL 7  A DPR 8  1_555 ? ? ? ? ? ? ? 1.345 ? ? 
covale9  covale both ? A DPR 8  C  ? ? ? 1_555 A DPR 9  N  ? ? A DPR 8  A DPR 9  1_555 ? ? ? ? ? ? ? 1.340 ? ? 
covale10 covale both ? A DPR 9  C  ? ? ? 1_555 A DIL 10 N  ? ? A DPR 9  A DIL 10 1_555 ? ? ? ? ? ? ? 1.328 ? ? 
covale11 covale both ? A DIL 10 C  ? ? ? 1_555 A DCY 11 N  ? ? A DIL 10 A DCY 11 1_555 ? ? ? ? ? ? ? 1.329 ? ? 
covale12 covale both ? A DCY 11 C  ? ? ? 1_555 A DPN 12 N  ? ? A DCY 11 A DPN 12 1_555 ? ? ? ? ? ? ? 1.325 ? ? 
covale13 covale both ? A DPN 12 C  ? ? ? 1_555 A DPR 13 N  ? ? A DPN 12 A DPR 13 1_555 ? ? ? ? ? ? ? 1.352 ? ? 
covale14 covale both ? A DPR 13 C  ? ? ? 1_555 A DAS 14 N  ? ? A DPR 13 A DAS 14 1_555 ? ? ? ? ? ? ? 1.326 ? ? 
# 
loop_
_struct_conn_type.id 
_struct_conn_type.criteria 
_struct_conn_type.reference 
disulf ? ? 
covale ? ? 
# 
loop_
_pdbx_modification_feature.ordinal 
_pdbx_modification_feature.label_comp_id 
_pdbx_modification_feature.label_asym_id 
_pdbx_modification_feature.label_seq_id 
_pdbx_modification_feature.label_alt_id 
_pdbx_modification_feature.modified_residue_label_comp_id 
_pdbx_modification_feature.modified_residue_label_asym_id 
_pdbx_modification_feature.modified_residue_label_seq_id 
_pdbx_modification_feature.modified_residue_label_alt_id 
_pdbx_modification_feature.auth_comp_id 
_pdbx_modification_feature.auth_asym_id 
_pdbx_modification_feature.auth_seq_id 
_pdbx_modification_feature.PDB_ins_code 
_pdbx_modification_feature.symmetry 
_pdbx_modification_feature.modified_residue_auth_comp_id 
_pdbx_modification_feature.modified_residue_auth_asym_id 
_pdbx_modification_feature.modified_residue_auth_seq_id 
_pdbx_modification_feature.modified_residue_PDB_ins_code 
_pdbx_modification_feature.modified_residue_symmetry 
_pdbx_modification_feature.comp_id_linking_atom 
_pdbx_modification_feature.modified_residue_id_linking_atom 
_pdbx_modification_feature.modified_residue_id 
_pdbx_modification_feature.ref_pcm_id 
_pdbx_modification_feature.ref_comp_id 
_pdbx_modification_feature.type 
_pdbx_modification_feature.category 
1 DCY A 3 ? DCY A 11 ? DCY A 3 ? 1_555 DCY A 11 ? 1_555 SG SG . . . None 'Disulfide bridge'     
2 GLY A 1 ? DAS A 14 ? GLY A 1 ? 1_555 DAS A 14 ? 1_555 N  C  . . . None 'Non-standard linkage' 
# 
_struct_mon_prot_cis.pdbx_id                1 
_struct_mon_prot_cis.label_comp_id          DIL 
_struct_mon_prot_cis.label_seq_id           7 
_struct_mon_prot_cis.label_asym_id          A 
_struct_mon_prot_cis.label_alt_id           . 
_struct_mon_prot_cis.pdbx_PDB_ins_code      ? 
_struct_mon_prot_cis.auth_comp_id           DIL 
_struct_mon_prot_cis.auth_seq_id            7 
_struct_mon_prot_cis.auth_asym_id           A 
_struct_mon_prot_cis.pdbx_label_comp_id_2   DPR 
_struct_mon_prot_cis.pdbx_label_seq_id_2    8 
_struct_mon_prot_cis.pdbx_label_asym_id_2   A 
_struct_mon_prot_cis.pdbx_PDB_ins_code_2    ? 
_struct_mon_prot_cis.pdbx_auth_comp_id_2    DPR 
_struct_mon_prot_cis.pdbx_auth_seq_id_2     8 
_struct_mon_prot_cis.pdbx_auth_asym_id_2    A 
_struct_mon_prot_cis.pdbx_PDB_model_num     1 
_struct_mon_prot_cis.pdbx_omega_angle       9.98 
# 
_pdbx_entry_details.entry_id                   4TTK 
_pdbx_entry_details.compound_details           ? 
_pdbx_entry_details.source_details             ? 
_pdbx_entry_details.nonpolymer_details         ? 
_pdbx_entry_details.sequence_details           ? 
_pdbx_entry_details.has_ligand_of_interest     ? 
_pdbx_entry_details.has_protein_modification   Y 
# 
_pdbx_validate_torsion.id              1 
_pdbx_validate_torsion.PDB_model_num   1 
_pdbx_validate_torsion.auth_comp_id    DLY 
_pdbx_validate_torsion.auth_asym_id    A 
_pdbx_validate_torsion.auth_seq_id     5 
_pdbx_validate_torsion.PDB_ins_code    ? 
_pdbx_validate_torsion.label_alt_id    ? 
_pdbx_validate_torsion.phi             90.59 
_pdbx_validate_torsion.psi             -50.28 
# 
loop_
_chem_comp_atom.comp_id 
_chem_comp_atom.atom_id 
_chem_comp_atom.type_symbol 
_chem_comp_atom.pdbx_aromatic_flag 
_chem_comp_atom.pdbx_stereo_config 
_chem_comp_atom.pdbx_ordinal 
DAR N    N N N 1   
DAR CA   C N R 2   
DAR CB   C N N 3   
DAR CG   C N N 4   
DAR CD   C N N 5   
DAR NE   N N N 6   
DAR CZ   C N N 7   
DAR NH1  N N N 8   
DAR NH2  N N N 9   
DAR C    C N N 10  
DAR O    O N N 11  
DAR OXT  O N N 12  
DAR H    H N N 13  
DAR H2   H N N 14  
DAR HA   H N N 15  
DAR HB2  H N N 16  
DAR HB3  H N N 17  
DAR HG2  H N N 18  
DAR HG3  H N N 19  
DAR HD2  H N N 20  
DAR HD3  H N N 21  
DAR HE   H N N 22  
DAR HH11 H N N 23  
DAR HH12 H N N 24  
DAR HH21 H N N 25  
DAR HH22 H N N 26  
DAR HXT  H N N 27  
DAS N    N N N 28  
DAS CA   C N R 29  
DAS C    C N N 30  
DAS O    O N N 31  
DAS CB   C N N 32  
DAS CG   C N N 33  
DAS OD1  O N N 34  
DAS OD2  O N N 35  
DAS OXT  O N N 36  
DAS H    H N N 37  
DAS H2   H N N 38  
DAS HA   H N N 39  
DAS HB2  H N N 40  
DAS HB3  H N N 41  
DAS HD2  H N N 42  
DAS HXT  H N N 43  
DCY N    N N N 44  
DCY CA   C N S 45  
DCY C    C N N 46  
DCY O    O N N 47  
DCY CB   C N N 48  
DCY SG   S N N 49  
DCY OXT  O N N 50  
DCY H    H N N 51  
DCY H2   H N N 52  
DCY HA   H N N 53  
DCY HB2  H N N 54  
DCY HB3  H N N 55  
DCY HG   H N N 56  
DCY HXT  H N N 57  
DIL N    N N N 58  
DIL CA   C N R 59  
DIL C    C N N 60  
DIL O    O N N 61  
DIL CB   C N R 62  
DIL CG1  C N N 63  
DIL CG2  C N N 64  
DIL CD1  C N N 65  
DIL OXT  O N N 66  
DIL H    H N N 67  
DIL H2   H N N 68  
DIL HA   H N N 69  
DIL HB   H N N 70  
DIL HG12 H N N 71  
DIL HG13 H N N 72  
DIL HG21 H N N 73  
DIL HG22 H N N 74  
DIL HG23 H N N 75  
DIL HD11 H N N 76  
DIL HD12 H N N 77  
DIL HD13 H N N 78  
DIL HXT  H N N 79  
DLY N    N N N 80  
DLY CA   C N R 81  
DLY C    C N N 82  
DLY O    O N N 83  
DLY CB   C N N 84  
DLY CG   C N N 85  
DLY CD   C N N 86  
DLY CE   C N N 87  
DLY NZ   N N N 88  
DLY OXT  O N N 89  
DLY H    H N N 90  
DLY H2   H N N 91  
DLY HA   H N N 92  
DLY HB2  H N N 93  
DLY HB3  H N N 94  
DLY HG2  H N N 95  
DLY HG3  H N N 96  
DLY HD2  H N N 97  
DLY HD3  H N N 98  
DLY HE2  H N N 99  
DLY HE3  H N N 100 
DLY HZ1  H N N 101 
DLY HZ2  H N N 102 
DLY HXT  H N N 103 
DPN N    N N N 104 
DPN CA   C N R 105 
DPN C    C N N 106 
DPN O    O N N 107 
DPN OXT  O N N 108 
DPN CB   C N N 109 
DPN CG   C Y N 110 
DPN CD1  C Y N 111 
DPN CD2  C Y N 112 
DPN CE1  C Y N 113 
DPN CE2  C Y N 114 
DPN CZ   C Y N 115 
DPN H    H N N 116 
DPN H2   H N N 117 
DPN HA   H N N 118 
DPN HXT  H N N 119 
DPN HB2  H N N 120 
DPN HB3  H N N 121 
DPN HD1  H N N 122 
DPN HD2  H N N 123 
DPN HE1  H N N 124 
DPN HE2  H N N 125 
DPN HZ   H N N 126 
DPR N    N N N 127 
DPR CA   C N R 128 
DPR CB   C N N 129 
DPR CG   C N N 130 
DPR CD   C N N 131 
DPR C    C N N 132 
DPR O    O N N 133 
DPR OXT  O N N 134 
DPR H    H N N 135 
DPR HA   H N N 136 
DPR HB2  H N N 137 
DPR HB3  H N N 138 
DPR HG2  H N N 139 
DPR HG3  H N N 140 
DPR HD2  H N N 141 
DPR HD3  H N N 142 
DPR HXT  H N N 143 
DSN N    N N N 144 
DSN CA   C N R 145 
DSN C    C N N 146 
DSN O    O N N 147 
DSN OXT  O N N 148 
DSN CB   C N N 149 
DSN OG   O N N 150 
DSN H    H N N 151 
DSN H2   H N N 152 
DSN HA   H N N 153 
DSN HXT  H N N 154 
DSN HB2  H N N 155 
DSN HB3  H N N 156 
DSN HG   H N N 157 
DTH N    N N N 158 
DTH CA   C N R 159 
DTH CB   C N S 160 
DTH CG2  C N N 161 
DTH OG1  O N N 162 
DTH C    C N N 163 
DTH O    O N N 164 
DTH OXT  O N N 165 
DTH H    H N N 166 
DTH H2   H N N 167 
DTH HA   H N N 168 
DTH HB   H N N 169 
DTH HG21 H N N 170 
DTH HG22 H N N 171 
DTH HG23 H N N 172 
DTH HG1  H N N 173 
DTH HXT  H N N 174 
GLY N    N N N 175 
GLY CA   C N N 176 
GLY C    C N N 177 
GLY O    O N N 178 
GLY OXT  O N N 179 
GLY H    H N N 180 
GLY H2   H N N 181 
GLY HA2  H N N 182 
GLY HA3  H N N 183 
GLY HXT  H N N 184 
HOH O    O N N 185 
HOH H1   H N N 186 
HOH H2   H N N 187 
# 
loop_
_chem_comp_bond.comp_id 
_chem_comp_bond.atom_id_1 
_chem_comp_bond.atom_id_2 
_chem_comp_bond.value_order 
_chem_comp_bond.pdbx_aromatic_flag 
_chem_comp_bond.pdbx_stereo_config 
_chem_comp_bond.pdbx_ordinal 
DAR N   CA   sing N N 1   
DAR N   H    sing N N 2   
DAR N   H2   sing N N 3   
DAR CA  CB   sing N N 4   
DAR CA  C    sing N N 5   
DAR CA  HA   sing N N 6   
DAR CB  CG   sing N N 7   
DAR CB  HB2  sing N N 8   
DAR CB  HB3  sing N N 9   
DAR CG  CD   sing N N 10  
DAR CG  HG2  sing N N 11  
DAR CG  HG3  sing N N 12  
DAR CD  NE   sing N N 13  
DAR CD  HD2  sing N N 14  
DAR CD  HD3  sing N N 15  
DAR NE  CZ   sing N N 16  
DAR NE  HE   sing N N 17  
DAR CZ  NH1  sing N N 18  
DAR CZ  NH2  doub N N 19  
DAR NH1 HH11 sing N N 20  
DAR NH1 HH12 sing N N 21  
DAR NH2 HH21 sing N N 22  
DAR NH2 HH22 sing N N 23  
DAR C   O    doub N N 24  
DAR C   OXT  sing N N 25  
DAR OXT HXT  sing N N 26  
DAS N   CA   sing N N 27  
DAS N   H    sing N N 28  
DAS N   H2   sing N N 29  
DAS CA  C    sing N N 30  
DAS CA  CB   sing N N 31  
DAS CA  HA   sing N N 32  
DAS C   O    doub N N 33  
DAS C   OXT  sing N N 34  
DAS CB  CG   sing N N 35  
DAS CB  HB2  sing N N 36  
DAS CB  HB3  sing N N 37  
DAS CG  OD1  doub N N 38  
DAS CG  OD2  sing N N 39  
DAS OD2 HD2  sing N N 40  
DAS OXT HXT  sing N N 41  
DCY N   CA   sing N N 42  
DCY N   H    sing N N 43  
DCY N   H2   sing N N 44  
DCY CA  C    sing N N 45  
DCY CA  CB   sing N N 46  
DCY CA  HA   sing N N 47  
DCY C   O    doub N N 48  
DCY C   OXT  sing N N 49  
DCY CB  SG   sing N N 50  
DCY CB  HB2  sing N N 51  
DCY CB  HB3  sing N N 52  
DCY SG  HG   sing N N 53  
DCY OXT HXT  sing N N 54  
DIL N   CA   sing N N 55  
DIL N   H    sing N N 56  
DIL N   H2   sing N N 57  
DIL CA  C    sing N N 58  
DIL CA  CB   sing N N 59  
DIL CA  HA   sing N N 60  
DIL C   O    doub N N 61  
DIL C   OXT  sing N N 62  
DIL CB  CG1  sing N N 63  
DIL CB  CG2  sing N N 64  
DIL CB  HB   sing N N 65  
DIL CG1 CD1  sing N N 66  
DIL CG1 HG12 sing N N 67  
DIL CG1 HG13 sing N N 68  
DIL CG2 HG21 sing N N 69  
DIL CG2 HG22 sing N N 70  
DIL CG2 HG23 sing N N 71  
DIL CD1 HD11 sing N N 72  
DIL CD1 HD12 sing N N 73  
DIL CD1 HD13 sing N N 74  
DIL OXT HXT  sing N N 75  
DLY N   CA   sing N N 76  
DLY N   H    sing N N 77  
DLY N   H2   sing N N 78  
DLY CA  C    sing N N 79  
DLY CA  CB   sing N N 80  
DLY CA  HA   sing N N 81  
DLY C   O    doub N N 82  
DLY C   OXT  sing N N 83  
DLY CB  CG   sing N N 84  
DLY CB  HB2  sing N N 85  
DLY CB  HB3  sing N N 86  
DLY CG  CD   sing N N 87  
DLY CG  HG2  sing N N 88  
DLY CG  HG3  sing N N 89  
DLY CD  CE   sing N N 90  
DLY CD  HD2  sing N N 91  
DLY CD  HD3  sing N N 92  
DLY CE  NZ   sing N N 93  
DLY CE  HE2  sing N N 94  
DLY CE  HE3  sing N N 95  
DLY NZ  HZ1  sing N N 96  
DLY NZ  HZ2  sing N N 97  
DLY OXT HXT  sing N N 98  
DPN N   CA   sing N N 99  
DPN N   H    sing N N 100 
DPN N   H2   sing N N 101 
DPN CA  C    sing N N 102 
DPN CA  CB   sing N N 103 
DPN CA  HA   sing N N 104 
DPN C   O    doub N N 105 
DPN C   OXT  sing N N 106 
DPN OXT HXT  sing N N 107 
DPN CB  CG   sing N N 108 
DPN CB  HB2  sing N N 109 
DPN CB  HB3  sing N N 110 
DPN CG  CD1  doub Y N 111 
DPN CG  CD2  sing Y N 112 
DPN CD1 CE1  sing Y N 113 
DPN CD1 HD1  sing N N 114 
DPN CD2 CE2  doub Y N 115 
DPN CD2 HD2  sing N N 116 
DPN CE1 CZ   doub Y N 117 
DPN CE1 HE1  sing N N 118 
DPN CE2 CZ   sing Y N 119 
DPN CE2 HE2  sing N N 120 
DPN CZ  HZ   sing N N 121 
DPR N   CA   sing N N 122 
DPR N   CD   sing N N 123 
DPR N   H    sing N N 124 
DPR CA  CB   sing N N 125 
DPR CA  C    sing N N 126 
DPR CA  HA   sing N N 127 
DPR CB  CG   sing N N 128 
DPR CB  HB2  sing N N 129 
DPR CB  HB3  sing N N 130 
DPR CG  CD   sing N N 131 
DPR CG  HG2  sing N N 132 
DPR CG  HG3  sing N N 133 
DPR CD  HD2  sing N N 134 
DPR CD  HD3  sing N N 135 
DPR C   O    doub N N 136 
DPR C   OXT  sing N N 137 
DPR OXT HXT  sing N N 138 
DSN N   CA   sing N N 139 
DSN N   H    sing N N 140 
DSN N   H2   sing N N 141 
DSN CA  C    sing N N 142 
DSN CA  CB   sing N N 143 
DSN CA  HA   sing N N 144 
DSN C   O    doub N N 145 
DSN C   OXT  sing N N 146 
DSN OXT HXT  sing N N 147 
DSN CB  OG   sing N N 148 
DSN CB  HB2  sing N N 149 
DSN CB  HB3  sing N N 150 
DSN OG  HG   sing N N 151 
DTH N   CA   sing N N 152 
DTH N   H    sing N N 153 
DTH N   H2   sing N N 154 
DTH CA  CB   sing N N 155 
DTH CA  C    sing N N 156 
DTH CA  HA   sing N N 157 
DTH CB  CG2  sing N N 158 
DTH CB  OG1  sing N N 159 
DTH CB  HB   sing N N 160 
DTH CG2 HG21 sing N N 161 
DTH CG2 HG22 sing N N 162 
DTH CG2 HG23 sing N N 163 
DTH OG1 HG1  sing N N 164 
DTH C   O    doub N N 165 
DTH C   OXT  sing N N 166 
DTH OXT HXT  sing N N 167 
GLY N   CA   sing N N 168 
GLY N   H    sing N N 169 
GLY N   H2   sing N N 170 
GLY CA  C    sing N N 171 
GLY CA  HA2  sing N N 172 
GLY CA  HA3  sing N N 173 
GLY C   O    doub N N 174 
GLY C   OXT  sing N N 175 
GLY OXT HXT  sing N N 176 
HOH O   H1   sing N N 177 
HOH O   H2   sing N N 178 
# 
loop_
_pdbx_audit_support.funding_organization 
_pdbx_audit_support.country 
_pdbx_audit_support.grant_number 
_pdbx_audit_support.ordinal 
'Australian Research Council (ARC)'                               Australia LP110200213 1 
'National Health and Medical Research Council (NHMRC, Australia)' Australia 546578      2 
'National Health and Medical Research Council (NHMRC, Australia)' Australia APP1026501  3 
# 
_atom_sites.entry_id                    4TTK 
_atom_sites.fract_transf_matrix[1][1]   0.01996506 
_atom_sites.fract_transf_matrix[1][2]   -0.01124674 
_atom_sites.fract_transf_matrix[1][3]   0.01443036 
_atom_sites.fract_transf_matrix[2][1]   0.01761792 
_atom_sites.fract_transf_matrix[2][2]   -0.01670930 
_atom_sites.fract_transf_matrix[2][3]   -0.01198894 
_atom_sites.fract_transf_matrix[3][1]   0.04566036 
_atom_sites.fract_transf_matrix[3][2]   0.05994724 
_atom_sites.fract_transf_matrix[3][3]   -0.01645148 
_atom_sites.fract_transf_vector[1]      0.137589 
_atom_sites.fract_transf_vector[2]      -0.437201 
_atom_sites.fract_transf_vector[3]      0.328033 
# 
loop_
_atom_type.symbol 
C 
N 
O 
S 
# 
loop_
_atom_site.group_PDB 
_atom_site.id 
_atom_site.type_symbol 
_atom_site.label_atom_id 
_atom_site.label_alt_id 
_atom_site.label_comp_id 
_atom_site.label_asym_id 
_atom_site.label_entity_id 
_atom_site.label_seq_id 
_atom_site.pdbx_PDB_ins_code 
_atom_site.Cartn_x 
_atom_site.Cartn_y 
_atom_site.Cartn_z 
_atom_site.occupancy 
_atom_site.B_iso_or_equiv 
_atom_site.pdbx_formal_charge 
_atom_site.auth_seq_id 
_atom_site.auth_comp_id 
_atom_site.auth_asym_id 
_atom_site.auth_atom_id 
_atom_site.pdbx_PDB_model_num 
ATOM   1   N N   . GLY A 1 1  ? -0.290 1.438  -7.792  1.00 7.94  ? 1   GLY A N   1 
ATOM   2   C CA  . GLY A 1 1  ? -1.560 1.644  -7.127  1.00 7.78  ? 1   GLY A CA  1 
ATOM   3   C C   . GLY A 1 1  ? -1.475 2.291  -5.758  1.00 6.20  ? 1   GLY A C   1 
ATOM   4   O O   . GLY A 1 1  ? -2.444 2.235  -5.007  1.00 6.73  ? 1   GLY A O   1 
HETATM 5   N N   . DAR A 1 2  ? -0.349 2.911  -5.419  1.00 6.85  ? 2   DAR A N   1 
HETATM 6   C CA  . DAR A 1 2  ? -0.237 3.498  -4.090  1.00 6.66  ? 2   DAR A CA  1 
HETATM 7   C CB  . DAR A 1 2  ? 0.997  4.394  -3.967  1.00 6.82  ? 2   DAR A CB  1 
HETATM 8   C CG  . DAR A 1 2  ? 1.046  5.144  -2.635  1.00 7.58  ? 2   DAR A CG  1 
HETATM 9   C CD  . DAR A 1 2  ? 2.200  6.131  -2.548  1.00 8.89  ? 2   DAR A CD  1 
HETATM 10  N NE  . DAR A 1 2  ? 3.500  5.473  -2.644  1.00 7.81  ? 2   DAR A NE  1 
HETATM 11  C CZ  . DAR A 1 2  ? 4.115  4.860  -1.636  1.00 8.12  ? 2   DAR A CZ  1 
HETATM 12  N NH1 . DAR A 1 2  ? 5.291  4.292  -1.841  1.00 9.20  ? 2   DAR A NH1 1 
HETATM 13  N NH2 . DAR A 1 2  ? 3.571  4.811  -0.422  1.00 9.62  ? 2   DAR A NH2 1 
HETATM 14  C C   . DAR A 1 2  ? -0.193 2.396  -3.034  1.00 5.99  ? 2   DAR A C   1 
HETATM 15  O O   . DAR A 1 2  ? 0.422  1.348  -3.242  1.00 6.72  ? 2   DAR A O   1 
HETATM 16  N N   . DCY A 1 3  ? -0.861 2.635  -1.912  1.00 5.82  ? 3   DCY A N   1 
HETATM 17  C CA  . DCY A 1 3  ? -0.808 1.727  -0.773  1.00 5.65  ? 3   DCY A CA  1 
HETATM 18  C C   . DCY A 1 3  ? -0.277 2.459  0.440   1.00 6.50  ? 3   DCY A C   1 
HETATM 19  O O   . DCY A 1 3  ? -0.547 3.637  0.621   1.00 7.09  ? 3   DCY A O   1 
HETATM 20  C CB  . DCY A 1 3  ? -2.200 1.182  -0.448  1.00 7.62  ? 3   DCY A CB  1 
HETATM 21  S SG  . DCY A 1 3  ? -3.053 0.358  -1.809  1.00 7.67  ? 3   DCY A SG  1 
HETATM 22  N N   . DTH A 1 4  ? 0.463  1.747  1.283   1.00 6.44  ? 4   DTH A N   1 
HETATM 23  C CA  . DTH A 1 4  ? 0.891  2.300  2.559   1.00 6.61  ? 4   DTH A CA  1 
HETATM 24  C CB  . DTH A 1 4  ? 1.965  1.422  3.224   1.00 6.95  ? 4   DTH A CB  1 
HETATM 25  C CG2 . DTH A 1 4  ? 3.234  1.398  2.395   1.00 7.73  ? 4   DTH A CG2 1 
HETATM 26  O OG1 . DTH A 1 4  ? 1.468  0.085  3.367   1.00 7.01  ? 4   DTH A OG1 1 
HETATM 27  C C   . DTH A 1 4  ? -0.292 2.420  3.510   1.00 6.22  ? 4   DTH A C   1 
HETATM 28  O O   . DTH A 1 4  ? -1.222 1.600  3.482   1.00 7.49  ? 4   DTH A O   1 
HETATM 29  N N   . DLY A 1 5  ? -0.247 3.436  4.360   1.00 6.34  ? 5   DLY A N   1 
HETATM 30  C CA  . DLY A 1 5  ? -1.256 3.630  5.395   1.00 7.56  ? 5   DLY A CA  1 
HETATM 31  C C   . DLY A 1 5  ? -0.827 2.918  6.669   1.00 8.42  ? 5   DLY A C   1 
HETATM 32  O O   . DLY A 1 5  ? -0.832 3.490  7.754   1.00 16.11 ? 5   DLY A O   1 
HETATM 33  C CB  . DLY A 1 5  ? -1.464 5.123  5.645   1.00 9.28  ? 5   DLY A CB  1 
HETATM 34  C CG  . DLY A 1 5  ? -1.933 5.879  4.411   1.00 9.99  ? 5   DLY A CG  1 
HETATM 35  C CD  . DLY A 1 5  ? -2.035 7.371  4.674   1.00 12.74 ? 5   DLY A CD  1 
HETATM 36  C CE  . DLY A 1 5  ? -2.462 8.104  3.415   1.00 13.38 ? 5   DLY A CE  1 
HETATM 37  N NZ  . DLY A 1 5  ? -2.569 9.578  3.630   1.00 18.74 ? 5   DLY A NZ  1 
HETATM 38  N N   . DSN A 1 6  ? -0.463 1.657  6.518   1.00 8.88  ? 6   DSN A N   1 
HETATM 39  C CA  . DSN A 1 6  ? 0.051  0.848  7.608   1.00 7.19  ? 6   DSN A CA  1 
HETATM 40  C C   . DSN A 1 6  ? -0.949 -0.224 7.987   1.00 7.29  ? 6   DSN A C   1 
HETATM 41  O O   . DSN A 1 6  ? -1.960 -0.439 7.302   1.00 7.74  ? 6   DSN A O   1 
HETATM 42  C CB  . DSN A 1 6  ? 1.358  0.193  7.176   1.00 7.08  ? 6   DSN A CB  1 
HETATM 43  O OG  . DSN A 1 6  ? 1.192  -0.496 5.943   1.00 7.56  ? 6   DSN A OG  1 
HETATM 44  N N   . DIL A 1 7  ? -0.649 -0.908 9.083   1.00 7.18  ? 7   DIL A N   1 
HETATM 45  C CA  . DIL A 1 7  ? -1.404 -2.077 9.494   1.00 7.35  ? 7   DIL A CA  1 
HETATM 46  C C   . DIL A 1 7  ? -0.513 -3.297 9.348   1.00 7.57  ? 7   DIL A C   1 
HETATM 47  O O   . DIL A 1 7  ? 0.473  -3.437 10.073  1.00 7.88  ? 7   DIL A O   1 
HETATM 48  C CB  . DIL A 1 7  ? -1.884 -1.953 10.950  1.00 8.21  ? 7   DIL A CB  1 
HETATM 49  C CG1 . DIL A 1 7  ? -2.883 -0.800 11.076  1.00 11.35 ? 7   DIL A CG1 1 
HETATM 50  C CG2 . DIL A 1 7  ? -2.524 -3.252 11.413  1.00 10.07 ? 7   DIL A CG2 1 
HETATM 51  C CD1 . DIL A 1 7  ? -3.407 -0.599 12.484  1.00 15.15 ? 7   DIL A CD1 1 
HETATM 52  N N   . DPR A 1 8  ? -0.807 -4.167 8.366   1.00 7.39  ? 8   DPR A N   1 
HETATM 53  C CA  . DPR A 1 8  ? -1.769 -3.996 7.278   1.00 7.82  ? 8   DPR A CA  1 
HETATM 54  C CB  . DPR A 1 8  ? -1.927 -5.426 6.761   1.00 10.17 ? 8   DPR A CB  1 
HETATM 55  C CG  . DPR A 1 8  ? -0.572 -5.990 6.900   1.00 9.27  ? 8   DPR A CG  1 
HETATM 56  C CD  . DPR A 1 8  ? -0.033 -5.411 8.200   1.00 7.91  ? 8   DPR A CD  1 
HETATM 57  C C   . DPR A 1 8  ? -1.130 -3.144 6.181   1.00 6.89  ? 8   DPR A C   1 
HETATM 58  O O   . DPR A 1 8  ? 0.081  -2.910 6.213   1.00 6.80  ? 8   DPR A O   1 
HETATM 59  N N   . DPR A 1 9  ? -1.933 -2.684 5.211   1.00 7.08  ? 9   DPR A N   1 
HETATM 60  C CA  . DPR A 1 9  ? -1.366 -2.025 4.034   1.00 7.49  ? 9   DPR A CA  1 
HETATM 61  C CB  . DPR A 1 9  ? -2.610 -1.517 3.282   1.00 8.97  ? 9   DPR A CB  1 
HETATM 62  C CG  . DPR A 1 9  ? -3.703 -1.480 4.307   1.00 10.39 ? 9   DPR A CG  1 
HETATM 63  C CD  . DPR A 1 9  ? -3.408 -2.638 5.213   1.00 8.60  ? 9   DPR A CD  1 
HETATM 64  C C   . DPR A 1 9  ? -0.616 -3.003 3.149   1.00 6.60  ? 9   DPR A C   1 
HETATM 65  O O   . DPR A 1 9  ? -0.866 -4.213 3.183   1.00 7.73  ? 9   DPR A O   1 
HETATM 66  N N   . DIL A 1 10 ? 0.292  -2.464 2.343   1.00 6.18  ? 10  DIL A N   1 
HETATM 67  C CA  . DIL A 1 10 ? 0.769  -3.141 1.144   1.00 6.72  ? 10  DIL A CA  1 
HETATM 68  C C   . DIL A 1 10 ? 0.561  -2.176 -0.020  1.00 6.35  ? 10  DIL A C   1 
HETATM 69  O O   . DIL A 1 10 ? 0.626  -0.964 0.163   1.00 6.61  ? 10  DIL A O   1 
HETATM 70  C CB  . DIL A 1 10 ? 2.247  -3.606 1.250   1.00 7.14  ? 10  DIL A CB  1 
HETATM 71  C CG1 . DIL A 1 10 ? 3.208  -2.418 1.399   1.00 8.40  ? 10  DIL A CG1 1 
HETATM 72  C CG2 . DIL A 1 10 ? 2.417  -4.596 2.404   1.00 9.29  ? 10  DIL A CG2 1 
HETATM 73  C CD1 . DIL A 1 10 ? 4.680  -2.839 1.445   1.00 8.72  ? 10  DIL A CD1 1 
HETATM 74  N N   . DCY A 1 11 ? 0.314  -2.715 -1.209  1.00 6.11  ? 11  DCY A N   1 
HETATM 75  C CA  . DCY A 1 11 ? 0.026  -1.868 -2.363  1.00 5.87  ? 11  DCY A CA  1 
HETATM 76  C C   . DCY A 1 11 ? 1.009  -2.149 -3.486  1.00 6.30  ? 11  DCY A C   1 
HETATM 77  O O   . DCY A 1 11 ? 1.291  -3.294 -3.821  1.00 6.84  ? 11  DCY A O   1 
HETATM 78  C CB  . DCY A 1 11 ? -1.419 -2.061 -2.835  1.00 6.75  ? 11  DCY A CB  1 
HETATM 79  S SG  . DCY A 1 11 ? -2.674 -1.643 -1.588  1.00 7.74  ? 11  DCY A SG  1 
HETATM 80  N N   . DPN A 1 12 ? 1.526  -1.070 -4.058  1.00 6.38  ? 12  DPN A N   1 
HETATM 81  C CA  . DPN A 1 12 ? 2.617  -1.121 -5.025  1.00 7.01  ? 12  DPN A CA  1 
HETATM 82  C C   . DPN A 1 12 ? 2.088  -1.149 -6.454  1.00 8.01  ? 12  DPN A C   1 
HETATM 83  O O   . DPN A 1 12 ? 0.897  -0.924 -6.672  1.00 7.90  ? 12  DPN A O   1 
HETATM 84  C CB  . DPN A 1 12 ? 3.542  0.082  -4.802  1.00 7.75  ? 12  DPN A CB  1 
HETATM 85  C CG  . DPN A 1 12 ? 4.133  0.120  -3.428  1.00 7.17  ? 12  DPN A CG  1 
HETATM 86  C CD1 . DPN A 1 12 ? 5.104  -0.797 -3.044  1.00 8.30  ? 12  DPN A CD1 1 
HETATM 87  C CD2 . DPN A 1 12 ? 3.687  1.041  -2.499  1.00 8.47  ? 12  DPN A CD2 1 
HETATM 88  C CE1 . DPN A 1 12 ? 5.623  -0.776 -1.761  1.00 8.96  ? 12  DPN A CE1 1 
HETATM 89  C CE2 . DPN A 1 12 ? 4.203  1.064  -1.217  1.00 9.35  ? 12  DPN A CE2 1 
HETATM 90  C CZ  . DPN A 1 12 ? 5.169  0.149  -0.850  1.00 9.16  ? 12  DPN A CZ  1 
HETATM 91  N N   . DPR A 1 13 ? 2.973  -1.416 -7.440  1.00 9.83  ? 13  DPR A N   1 
HETATM 92  C CA  . DPR A 1 13 ? 2.511  -1.535 -8.832  1.00 10.31 ? 13  DPR A CA  1 
HETATM 93  C CB  . DPR A 1 13 ? 3.794  -1.880 -9.598  1.00 13.31 ? 13  DPR A CB  1 
HETATM 94  C CG  . DPR A 1 13 ? 4.640  -2.577 -8.598  1.00 13.51 ? 13  DPR A CG  1 
HETATM 95  C CD  . DPR A 1 13 ? 4.372  -1.867 -7.301  1.00 11.17 ? 13  DPR A CD  1 
HETATM 96  C C   . DPR A 1 13 ? 1.888  -0.275 -9.420  1.00 10.57 ? 13  DPR A C   1 
HETATM 97  O O   . DPR A 1 13 ? 1.163  -0.379 -10.413 1.00 12.88 ? 13  DPR A O   1 
HETATM 98  N N   . DAS A 1 14 ? 2.164  0.885  -8.841  1.00 9.22  ? 14  DAS A N   1 
HETATM 99  C CA  . DAS A 1 14 ? 1.535  2.117  -9.304  1.00 9.71  ? 14  DAS A CA  1 
HETATM 100 C C   . DAS A 1 14 ? 0.180  2.354  -8.634  1.00 8.71  ? 14  DAS A C   1 
HETATM 101 O O   . DAS A 1 14 ? -0.414 3.423  -8.789  1.00 10.52 ? 14  DAS A O   1 
HETATM 102 C CB  . DAS A 1 14 ? 2.463  3.318  -9.100  1.00 10.84 ? 14  DAS A CB  1 
HETATM 103 C CG  . DAS A 1 14 ? 2.836  3.545  -7.644  1.00 10.12 ? 14  DAS A CG  1 
HETATM 104 O OD1 . DAS A 1 14 ? 2.370  2.797  -6.752  1.00 9.03  ? 14  DAS A OD1 1 
HETATM 105 O OD2 . DAS A 1 14 ? 3.615  4.484  -7.385  1.00 11.65 ? 14  DAS A OD2 1 
HETATM 106 O O   . HOH B 2 .  ? -0.685 5.703  -10.133 1.00 13.27 ? 101 HOH A O   1 
HETATM 107 O O   . HOH B 2 .  ? 4.786  5.117  -5.045  1.00 9.77  ? 102 HOH A O   1 
HETATM 108 O O   . HOH B 2 .  ? 4.558  5.786  -9.592  1.00 20.51 ? 103 HOH A O   1 
HETATM 109 O O   . HOH B 2 .  ? 1.196  5.743  0.949   1.00 10.53 ? 104 HOH A O   1 
HETATM 110 O O   . HOH B 2 .  ? -1.784 -6.778 3.587   1.00 10.42 ? 105 HOH A O   1 
HETATM 111 O O   . HOH B 2 .  ? -3.546 -0.393 -5.105  1.00 17.07 ? 106 HOH A O   1 
HETATM 112 O O   . HOH B 2 .  ? 0.286  8.217  0.528   1.00 18.09 ? 107 HOH A O   1 
# 
